data_3CNK
#
_entry.id   3CNK
#
_cell.length_a   57.845
_cell.length_b   94.642
_cell.length_c   40.976
_cell.angle_alpha   90.00
_cell.angle_beta   90.00
_cell.angle_gamma   90.00
#
_symmetry.space_group_name_H-M   'P 21 21 2'
#
loop_
_entity.id
_entity.type
_entity.pdbx_description
1 polymer Filamin-A
2 non-polymer 'SULFATE ION'
3 water water
#
_entity_poly.entity_id   1
_entity_poly.type   'polypeptide(L)'
_entity_poly.pdbx_seq_one_letter_code
;KVVAKGLGLSKAYVGQKSSFTVDCSKAGNNMLLVGVHGPRTPCEEILVKHVGSRLYSVSYLLKDKGEYTLVVKWGHEHIP
GSPYRVVVP
;
_entity_poly.pdbx_strand_id   A,B
#
loop_
_chem_comp.id
_chem_comp.type
_chem_comp.name
_chem_comp.formula
SO4 non-polymer 'SULFATE ION' 'O4 S -2'
#
# COMPACT_ATOMS: atom_id res chain seq x y z
N LYS A 1 16.41 9.55 3.90
CA LYS A 1 17.52 8.60 3.58
C LYS A 1 17.01 7.42 2.75
N VAL A 2 15.73 7.45 2.40
CA VAL A 2 15.09 6.38 1.63
C VAL A 2 15.39 6.60 0.15
N VAL A 3 15.66 5.52 -0.58
CA VAL A 3 15.99 5.62 -2.01
C VAL A 3 15.17 4.59 -2.81
N ALA A 4 14.39 5.07 -3.78
CA ALA A 4 13.67 4.17 -4.69
C ALA A 4 14.36 4.07 -6.04
N LYS A 5 14.23 2.90 -6.65
CA LYS A 5 14.90 2.62 -7.92
C LYS A 5 14.02 1.72 -8.78
N GLY A 6 14.00 1.95 -10.08
CA GLY A 6 13.42 0.99 -11.00
C GLY A 6 12.55 1.61 -12.07
N LEU A 7 12.38 0.86 -13.15
CA LEU A 7 11.58 1.34 -14.28
C LEU A 7 10.13 1.66 -13.92
N GLY A 8 9.60 0.98 -12.91
CA GLY A 8 8.22 1.20 -12.47
C GLY A 8 7.96 2.56 -11.85
N LEU A 9 9.01 3.32 -11.59
CA LEU A 9 8.86 4.69 -11.09
C LEU A 9 8.41 5.66 -12.18
N SER A 10 8.51 5.24 -13.43
CA SER A 10 8.23 6.13 -14.56
C SER A 10 7.50 5.47 -15.72
N LYS A 11 7.45 4.13 -15.72
CA LYS A 11 6.87 3.39 -16.84
C LYS A 11 5.94 2.29 -16.36
N ALA A 12 4.76 2.19 -16.98
CA ALA A 12 3.85 1.06 -16.75
C ALA A 12 3.00 0.87 -17.99
N TYR A 13 2.53 -0.35 -18.19
CA TYR A 13 1.75 -0.70 -19.37
C TYR A 13 0.49 -1.43 -18.93
N VAL A 14 -0.61 -1.21 -19.63
CA VAL A 14 -1.89 -1.81 -19.28
C VAL A 14 -1.76 -3.33 -19.17
N GLY A 15 -2.16 -3.88 -18.02
CA GLY A 15 -2.25 -5.33 -17.86
C GLY A 15 -0.96 -6.02 -17.47
N GLN A 16 0.14 -5.26 -17.45
CA GLN A 16 1.48 -5.81 -17.18
C GLN A 16 2.00 -5.28 -15.84
N LYS A 17 2.43 -6.17 -14.95
CA LYS A 17 2.96 -5.73 -13.66
C LYS A 17 4.19 -4.84 -13.84
N SER A 18 4.18 -3.73 -13.13
CA SER A 18 5.26 -2.76 -13.14
C SER A 18 5.95 -2.79 -11.79
N SER A 19 7.28 -2.74 -11.75
CA SER A 19 7.99 -2.98 -10.49
C SER A 19 9.07 -1.94 -10.22
N PHE A 20 9.31 -1.71 -8.93
CA PHE A 20 10.43 -0.91 -8.45
C PHE A 20 10.80 -1.39 -7.04
N THR A 21 11.88 -0.86 -6.51
CA THR A 21 12.27 -1.17 -5.13
C THR A 21 12.40 0.10 -4.31
N VAL A 22 12.27 -0.05 -2.99
CA VAL A 22 12.42 1.05 -2.05
C VAL A 22 13.39 0.59 -0.95
N ASP A 23 14.51 1.30 -0.82
CA ASP A 23 15.58 0.97 0.10
C ASP A 23 15.50 1.85 1.33
N CYS A 24 15.06 1.26 2.44
CA CYS A 24 14.90 1.97 3.71
C CYS A 24 15.97 1.51 4.72
N SER A 25 17.02 0.85 4.24
CA SER A 25 18.06 0.30 5.12
C SER A 25 18.80 1.38 5.90
N LYS A 26 18.86 2.61 5.37
CA LYS A 26 19.58 3.70 6.08
C LYS A 26 18.65 4.63 6.83
N ALA A 27 17.35 4.29 6.82
CA ALA A 27 16.34 5.03 7.57
C ALA A 27 15.99 4.30 8.88
N GLY A 28 15.11 4.89 9.67
CA GLY A 28 14.70 4.30 10.95
C GLY A 28 13.55 3.32 10.85
N ASN A 29 12.75 3.24 11.92
CA ASN A 29 11.68 2.24 12.01
C ASN A 29 10.32 2.88 11.80
N ASN A 30 10.25 3.73 10.80
CA ASN A 30 9.04 4.46 10.44
C ASN A 30 8.13 3.62 9.53
N MET A 31 7.01 4.21 9.11
CA MET A 31 6.06 3.48 8.27
C MET A 31 6.11 3.87 6.78
N LEU A 32 6.08 2.85 5.93
CA LEU A 32 6.12 3.02 4.48
C LEU A 32 4.70 2.86 3.90
N LEU A 33 4.32 3.78 3.00
CA LEU A 33 3.02 3.75 2.31
C LEU A 33 3.22 4.00 0.82
N VAL A 34 2.53 3.22 -0.01
CA VAL A 34 2.60 3.35 -1.47
C VAL A 34 1.17 3.43 -2.03
N GLY A 35 0.92 4.41 -2.89
CA GLY A 35 -0.36 4.57 -3.54
C GLY A 35 -0.17 4.87 -5.01
N VAL A 36 -1.15 4.48 -5.82
CA VAL A 36 -1.12 4.82 -7.24
C VAL A 36 -2.46 5.43 -7.52
N HIS A 37 -2.43 6.70 -7.89
CA HIS A 37 -3.63 7.46 -8.06
C HIS A 37 -3.93 7.58 -9.53
N GLY A 38 -5.06 6.99 -9.91
CA GLY A 38 -5.62 7.21 -11.23
C GLY A 38 -6.81 8.14 -11.04
N PRO A 39 -6.85 9.23 -11.82
CA PRO A 39 -7.93 10.22 -11.75
C PRO A 39 -9.27 9.62 -12.17
N ARG A 40 -9.19 8.47 -12.84
CA ARG A 40 -10.33 7.82 -13.46
C ARG A 40 -10.44 6.40 -12.89
N THR A 41 -9.96 5.42 -13.65
CA THR A 41 -10.00 4.02 -13.27
C THR A 41 -8.94 3.74 -12.17
N PRO A 42 -9.34 3.13 -11.03
CA PRO A 42 -8.33 2.84 -10.01
C PRO A 42 -7.26 1.85 -10.44
N CYS A 43 -6.12 1.93 -9.76
CA CYS A 43 -5.07 0.93 -9.86
C CYS A 43 -5.64 -0.44 -9.49
N GLU A 44 -5.36 -1.47 -10.31
CA GLU A 44 -5.91 -2.80 -10.08
C GLU A 44 -5.34 -3.51 -8.87
N GLU A 45 -4.01 -3.51 -8.77
CA GLU A 45 -3.30 -4.17 -7.67
C GLU A 45 -2.06 -3.40 -7.29
N ILE A 46 -1.75 -3.38 -6.00
CA ILE A 46 -0.44 -2.97 -5.55
C ILE A 46 0.04 -4.00 -4.53
N LEU A 47 1.27 -4.50 -4.72
CA LEU A 47 1.84 -5.49 -3.82
C LEU A 47 3.15 -4.92 -3.28
N VAL A 48 3.26 -4.82 -1.97
CA VAL A 48 4.47 -4.33 -1.32
C VAL A 48 5.01 -5.45 -0.46
N LYS A 49 6.27 -5.84 -0.68
CA LYS A 49 6.89 -6.93 0.07
C LYS A 49 8.18 -6.46 0.75
N HIS A 50 8.33 -6.76 2.03
CA HIS A 50 9.63 -6.57 2.66
C HIS A 50 10.50 -7.75 2.23
N VAL A 51 11.54 -7.48 1.46
CA VAL A 51 12.45 -8.55 0.99
C VAL A 51 13.65 -8.81 1.92
N GLY A 52 13.77 -8.03 2.99
CA GLY A 52 14.82 -8.24 3.98
C GLY A 52 15.72 -7.02 4.08
N SER A 53 16.28 -6.82 5.27
CA SER A 53 17.22 -5.72 5.54
C SER A 53 16.62 -4.35 5.21
N ARG A 54 15.29 -4.26 5.36
CA ARG A 54 14.52 -3.03 5.12
C ARG A 54 14.57 -2.55 3.65
N LEU A 55 14.76 -3.51 2.74
CA LEU A 55 14.50 -3.28 1.32
C LEU A 55 13.14 -3.85 0.96
N TYR A 56 12.43 -3.11 0.11
CA TYR A 56 11.08 -3.46 -0.27
C TYR A 56 10.94 -3.55 -1.77
N SER A 57 10.14 -4.53 -2.21
CA SER A 57 9.78 -4.69 -3.62
C SER A 57 8.36 -4.17 -3.74
N VAL A 58 8.08 -3.42 -4.80
CA VAL A 58 6.72 -2.96 -5.10
C VAL A 58 6.35 -3.35 -6.53
N SER A 59 5.15 -3.89 -6.71
CA SER A 59 4.64 -4.21 -8.03
C SER A 59 3.23 -3.63 -8.10
N TYR A 60 2.85 -3.08 -9.24
CA TYR A 60 1.48 -2.58 -9.39
C TYR A 60 0.97 -2.86 -10.79
N LEU A 61 -0.35 -2.81 -10.95
CA LEU A 61 -1.01 -3.26 -12.16
C LEU A 61 -2.11 -2.27 -12.52
N LEU A 62 -2.06 -1.75 -13.74
CA LEU A 62 -3.03 -0.74 -14.17
C LEU A 62 -3.83 -1.30 -15.32
N LYS A 63 -5.08 -0.84 -15.45
CA LYS A 63 -5.95 -1.42 -16.45
C LYS A 63 -6.37 -0.49 -17.59
N ASP A 64 -6.02 0.79 -17.47
CA ASP A 64 -6.31 1.75 -18.52
C ASP A 64 -5.14 2.69 -18.75
N LYS A 65 -5.05 3.22 -19.96
CA LYS A 65 -4.02 4.18 -20.32
C LYS A 65 -4.29 5.54 -19.66
N GLY A 66 -3.28 6.39 -19.63
CA GLY A 66 -3.44 7.74 -19.08
C GLY A 66 -2.33 8.07 -18.11
N GLU A 67 -2.45 9.22 -17.44
CA GLU A 67 -1.42 9.65 -16.52
C GLU A 67 -1.81 9.26 -15.11
N TYR A 68 -0.88 8.65 -14.40
CA TYR A 68 -1.10 8.24 -13.02
C TYR A 68 -0.09 8.94 -12.14
N THR A 69 -0.41 9.03 -10.85
CA THR A 69 0.53 9.54 -9.86
C THR A 69 0.87 8.44 -8.89
N LEU A 70 2.16 8.13 -8.84
CA LEU A 70 2.68 7.16 -7.91
C LEU A 70 3.24 7.87 -6.66
N VAL A 71 2.72 7.52 -5.50
CA VAL A 71 3.13 8.15 -4.23
C VAL A 71 3.87 7.13 -3.36
N VAL A 72 5.05 7.50 -2.88
CA VAL A 72 5.79 6.66 -1.94
C VAL A 72 6.17 7.52 -0.75
N LYS A 73 5.61 7.17 0.41
CA LYS A 73 5.81 7.96 1.61
C LYS A 73 6.46 7.14 2.72
N TRP A 74 7.26 7.84 3.50
CA TRP A 74 7.97 7.29 4.63
C TRP A 74 7.65 8.22 5.81
N GLY A 75 6.93 7.69 6.79
CA GLY A 75 6.43 8.52 7.89
C GLY A 75 5.61 9.70 7.38
N HIS A 76 4.75 9.43 6.40
CA HIS A 76 3.87 10.46 5.83
C HIS A 76 4.59 11.62 5.10
N GLU A 77 5.92 11.53 4.94
CA GLU A 77 6.66 12.45 4.05
C GLU A 77 7.01 11.74 2.74
N HIS A 78 6.95 12.45 1.63
CA HIS A 78 7.41 11.89 0.35
C HIS A 78 8.88 11.54 0.41
N ILE A 79 9.23 10.36 -0.11
CA ILE A 79 10.63 10.03 -0.33
C ILE A 79 11.13 10.88 -1.51
N PRO A 80 12.47 11.02 -1.66
CA PRO A 80 12.96 11.77 -2.81
C PRO A 80 12.43 11.20 -4.13
N GLY A 81 11.88 12.09 -4.96
CA GLY A 81 11.27 11.70 -6.22
C GLY A 81 9.76 11.58 -6.18
N SER A 82 9.20 11.29 -5.01
CA SER A 82 7.74 11.21 -4.88
C SER A 82 7.17 12.61 -4.70
N PRO A 83 6.02 12.90 -5.36
CA PRO A 83 5.20 12.01 -6.21
C PRO A 83 5.78 11.81 -7.63
N TYR A 84 5.66 10.59 -8.13
CA TYR A 84 6.16 10.23 -9.44
C TYR A 84 5.05 10.28 -10.47
N ARG A 85 5.34 10.85 -11.64
CA ARG A 85 4.40 10.85 -12.76
C ARG A 85 4.64 9.61 -13.62
N VAL A 86 3.59 8.82 -13.82
CA VAL A 86 3.67 7.63 -14.65
C VAL A 86 2.66 7.74 -15.78
N VAL A 87 3.17 7.76 -17.01
CA VAL A 87 2.29 7.89 -18.17
C VAL A 87 2.16 6.52 -18.83
N VAL A 88 0.93 6.02 -18.88
CA VAL A 88 0.66 4.72 -19.47
C VAL A 88 0.12 4.89 -20.89
N PRO A 89 0.79 4.30 -21.89
CA PRO A 89 0.37 4.49 -23.29
C PRO A 89 -0.84 3.65 -23.70
N LYS B 1 -17.02 8.83 4.16
CA LYS B 1 -17.95 7.96 3.38
C LYS B 1 -17.21 6.70 2.91
N VAL B 2 -16.08 6.42 3.54
CA VAL B 2 -15.32 5.19 3.24
C VAL B 2 -15.48 4.25 4.43
N VAL B 3 -15.73 2.97 4.17
CA VAL B 3 -16.04 2.02 5.26
C VAL B 3 -15.18 0.77 5.15
N ALA B 4 -14.36 0.50 6.17
CA ALA B 4 -13.57 -0.73 6.24
C ALA B 4 -14.30 -1.81 7.04
N LYS B 5 -14.06 -3.06 6.64
CA LYS B 5 -14.64 -4.20 7.32
C LYS B 5 -13.64 -5.34 7.29
N GLY B 6 -13.87 -6.34 8.15
CA GLY B 6 -13.13 -7.59 8.07
C GLY B 6 -12.31 -7.94 9.29
N LEU B 7 -11.94 -9.21 9.36
CA LEU B 7 -11.17 -9.73 10.51
C LEU B 7 -9.79 -9.09 10.65
N GLY B 8 -9.17 -8.79 9.50
CA GLY B 8 -7.79 -8.26 9.47
C GLY B 8 -7.67 -6.85 10.01
N LEU B 9 -8.80 -6.22 10.33
CA LEU B 9 -8.74 -4.89 10.96
C LEU B 9 -8.24 -5.01 12.41
N SER B 10 -8.33 -6.21 12.98
CA SER B 10 -8.00 -6.40 14.40
C SER B 10 -7.11 -7.58 14.73
N LYS B 11 -7.09 -8.59 13.85
CA LYS B 11 -6.36 -9.84 14.12
C LYS B 11 -5.58 -10.34 12.93
N ALA B 12 -4.46 -11.01 13.21
CA ALA B 12 -3.69 -11.70 12.19
C ALA B 12 -2.94 -12.83 12.89
N TYR B 13 -2.49 -13.80 12.11
CA TYR B 13 -1.81 -14.96 12.69
C TYR B 13 -0.57 -15.24 11.88
N VAL B 14 0.52 -15.60 12.59
CA VAL B 14 1.82 -15.81 11.94
C VAL B 14 1.73 -16.73 10.72
N GLY B 15 2.17 -16.21 9.57
CA GLY B 15 2.28 -17.00 8.35
C GLY B 15 1.00 -17.23 7.57
N GLN B 16 -0.09 -16.57 7.98
CA GLN B 16 -1.38 -16.73 7.32
C GLN B 16 -1.87 -15.38 6.82
N LYS B 17 -2.39 -15.32 5.60
CA LYS B 17 -2.91 -14.08 5.08
C LYS B 17 -4.08 -13.60 5.92
N SER B 18 -4.00 -12.35 6.37
CA SER B 18 -5.14 -11.72 7.05
C SER B 18 -5.78 -10.74 6.09
N SER B 19 -7.12 -10.71 6.09
CA SER B 19 -7.86 -9.96 5.08
C SER B 19 -8.85 -8.94 5.64
N PHE B 20 -8.99 -7.83 4.91
CA PHE B 20 -10.04 -6.86 5.19
C PHE B 20 -10.39 -6.17 3.91
N THR B 21 -11.51 -5.44 3.92
CA THR B 21 -11.92 -4.67 2.74
C THR B 21 -12.07 -3.19 3.08
N VAL B 22 -11.93 -2.36 2.05
CA VAL B 22 -12.22 -0.94 2.16
C VAL B 22 -13.21 -0.59 1.04
N ASP B 23 -14.40 -0.14 1.43
CA ASP B 23 -15.47 0.17 0.49
C ASP B 23 -15.48 1.67 0.23
N CYS B 24 -15.06 2.05 -0.96
CA CYS B 24 -14.98 3.46 -1.36
C CYS B 24 -16.09 3.85 -2.34
N SER B 25 -17.14 3.02 -2.45
CA SER B 25 -18.21 3.27 -3.42
C SER B 25 -18.91 4.60 -3.25
N LYS B 26 -19.00 5.07 -2.00
CA LYS B 26 -19.74 6.30 -1.71
C LYS B 26 -18.82 7.51 -1.69
N ALA B 27 -17.55 7.28 -1.97
CA ALA B 27 -16.53 8.34 -2.03
C ALA B 27 -16.24 8.70 -3.49
N GLY B 28 -15.30 9.62 -3.70
CA GLY B 28 -14.94 10.05 -5.06
C GLY B 28 -13.67 9.41 -5.59
N ASN B 29 -12.98 10.12 -6.48
CA ASN B 29 -11.80 9.57 -7.16
C ASN B 29 -10.52 9.99 -6.46
N ASN B 30 -10.41 9.63 -5.18
CA ASN B 30 -9.24 9.99 -4.39
C ASN B 30 -8.25 8.83 -4.32
N MET B 31 -7.17 9.01 -3.56
CA MET B 31 -6.16 7.96 -3.45
C MET B 31 -6.24 7.24 -2.12
N LEU B 32 -6.22 5.90 -2.19
CA LEU B 32 -6.22 5.05 -1.03
C LEU B 32 -4.79 4.66 -0.71
N LEU B 33 -4.40 4.77 0.57
CA LEU B 33 -3.09 4.32 1.05
C LEU B 33 -3.30 3.35 2.19
N VAL B 34 -2.66 2.20 2.11
CA VAL B 34 -2.80 1.19 3.16
C VAL B 34 -1.41 0.73 3.57
N GLY B 35 -1.16 0.69 4.87
CA GLY B 35 0.10 0.13 5.39
C GLY B 35 -0.09 -0.56 6.71
N VAL B 36 0.76 -1.55 6.96
CA VAL B 36 0.81 -2.21 8.24
C VAL B 36 2.22 -2.01 8.77
N HIS B 37 2.31 -1.43 9.96
CA HIS B 37 3.58 -1.07 10.54
C HIS B 37 3.94 -2.03 11.64
N GLY B 38 5.03 -2.77 11.42
CA GLY B 38 5.65 -3.57 12.47
C GLY B 38 6.95 -2.90 12.86
N PRO B 39 7.02 -2.33 14.09
CA PRO B 39 8.15 -1.53 14.59
C PRO B 39 9.43 -2.34 14.78
N ARG B 40 9.31 -3.67 14.78
CA ARG B 40 10.47 -4.54 14.87
C ARG B 40 10.63 -5.33 13.58
N THR B 41 9.92 -6.44 13.45
CA THR B 41 9.85 -7.16 12.20
C THR B 41 8.77 -6.49 11.34
N PRO B 42 9.15 -5.97 10.15
CA PRO B 42 8.14 -5.35 9.28
C PRO B 42 7.11 -6.36 8.83
N CYS B 43 5.95 -5.84 8.42
CA CYS B 43 4.99 -6.63 7.67
C CYS B 43 5.70 -7.25 6.47
N GLU B 44 5.49 -8.55 6.26
CA GLU B 44 6.13 -9.27 5.16
C GLU B 44 5.60 -8.86 3.78
N GLU B 45 4.28 -8.78 3.65
CA GLU B 45 3.64 -8.49 2.38
C GLU B 45 2.31 -7.83 2.62
N ILE B 46 1.93 -6.93 1.72
CA ILE B 46 0.56 -6.46 1.71
C ILE B 46 0.13 -6.28 0.27
N LEU B 47 -1.10 -6.70 0.00
CA LEU B 47 -1.67 -6.66 -1.35
C LEU B 47 -2.98 -5.90 -1.26
N VAL B 48 -3.13 -4.89 -2.11
CA VAL B 48 -4.38 -4.12 -2.16
C VAL B 48 -4.93 -4.30 -3.56
N LYS B 49 -6.13 -4.86 -3.68
CA LYS B 49 -6.68 -5.16 -4.98
C LYS B 49 -7.99 -4.44 -5.16
N HIS B 50 -8.18 -3.72 -6.26
CA HIS B 50 -9.52 -3.20 -6.57
C HIS B 50 -10.31 -4.34 -7.20
N VAL B 51 -11.36 -4.80 -6.52
CA VAL B 51 -12.15 -5.93 -7.03
C VAL B 51 -13.43 -5.52 -7.77
N GLY B 52 -13.63 -4.22 -7.90
CA GLY B 52 -14.78 -3.69 -8.63
C GLY B 52 -15.67 -2.81 -7.77
N SER B 53 -16.29 -1.84 -8.40
CA SER B 53 -17.26 -0.96 -7.74
C SER B 53 -16.63 -0.19 -6.57
N ARG B 54 -15.33 0.08 -6.69
CA ARG B 54 -14.58 0.81 -5.66
C ARG B 54 -14.51 0.07 -4.33
N LEU B 55 -14.68 -1.26 -4.37
CA LEU B 55 -14.35 -2.11 -3.24
C LEU B 55 -12.92 -2.60 -3.39
N TYR B 56 -12.15 -2.48 -2.32
CA TYR B 56 -10.76 -2.95 -2.31
C TYR B 56 -10.62 -4.08 -1.31
N SER B 57 -9.99 -5.16 -1.76
CA SER B 57 -9.75 -6.31 -0.93
C SER B 57 -8.26 -6.28 -0.58
N VAL B 58 -7.97 -6.21 0.73
CA VAL B 58 -6.59 -6.13 1.22
C VAL B 58 -6.23 -7.43 1.95
N SER B 59 -5.01 -7.92 1.70
CA SER B 59 -4.49 -9.09 2.39
C SER B 59 -3.07 -8.77 2.80
N TYR B 60 -2.69 -9.16 4.01
CA TYR B 60 -1.33 -8.92 4.47
C TYR B 60 -0.80 -10.12 5.24
N LEU B 61 0.53 -10.17 5.37
CA LEU B 61 1.20 -11.32 5.96
C LEU B 61 2.20 -10.85 6.98
N LEU B 62 2.07 -11.38 8.20
CA LEU B 62 2.96 -11.01 9.30
C LEU B 62 3.68 -12.24 9.79
N LYS B 63 4.90 -12.03 10.29
CA LYS B 63 5.86 -13.11 10.54
C LYS B 63 6.06 -13.36 12.02
N ASP B 64 5.66 -12.38 12.85
CA ASP B 64 6.07 -12.31 14.26
C ASP B 64 4.95 -11.90 15.18
N LYS B 65 4.89 -12.49 16.37
CA LYS B 65 3.86 -12.09 17.33
C LYS B 65 4.08 -10.65 17.82
N GLY B 66 3.00 -10.00 18.24
CA GLY B 66 3.12 -8.65 18.78
C GLY B 66 2.06 -7.72 18.23
N GLU B 67 2.17 -6.44 18.59
CA GLU B 67 1.23 -5.43 18.13
C GLU B 67 1.74 -4.68 16.88
N TYR B 68 0.84 -4.56 15.91
CA TYR B 68 1.12 -3.87 14.67
C TYR B 68 0.12 -2.72 14.54
N THR B 69 0.45 -1.71 13.71
CA THR B 69 -0.47 -0.61 13.47
C THR B 69 -0.87 -0.65 12.02
N LEU B 70 -2.18 -0.77 11.79
CA LEU B 70 -2.73 -0.78 10.44
C LEU B 70 -3.29 0.60 10.14
N VAL B 71 -2.80 1.22 9.07
CA VAL B 71 -3.22 2.58 8.67
C VAL B 71 -3.94 2.47 7.33
N VAL B 72 -5.12 3.08 7.26
CA VAL B 72 -5.89 3.15 6.01
C VAL B 72 -6.25 4.61 5.84
N LYS B 73 -5.71 5.22 4.79
CA LYS B 73 -5.92 6.64 4.51
C LYS B 73 -6.61 6.82 3.16
N TRP B 74 -7.55 7.75 3.13
CA TRP B 74 -8.25 8.10 1.91
C TRP B 74 -8.00 9.59 1.73
N GLY B 75 -7.34 9.97 0.63
CA GLY B 75 -6.88 11.36 0.49
C GLY B 75 -6.04 11.78 1.69
N HIS B 76 -5.13 10.92 2.12
CA HIS B 76 -4.11 11.28 3.14
C HIS B 76 -4.68 11.50 4.56
N GLU B 77 -5.99 11.24 4.73
CA GLU B 77 -6.70 11.29 6.02
C GLU B 77 -7.17 9.91 6.42
N HIS B 78 -7.09 9.62 7.72
CA HIS B 78 -7.53 8.32 8.23
C HIS B 78 -9.01 8.10 8.01
N ILE B 79 -9.37 6.94 7.49
CA ILE B 79 -10.78 6.55 7.41
C ILE B 79 -11.25 6.27 8.85
N PRO B 80 -12.58 6.25 9.07
CA PRO B 80 -13.05 5.96 10.42
C PRO B 80 -12.49 4.62 10.90
N GLY B 81 -11.89 4.65 12.07
CA GLY B 81 -11.33 3.44 12.68
C GLY B 81 -9.82 3.39 12.56
N SER B 82 -9.27 4.08 11.56
CA SER B 82 -7.81 4.12 11.41
C SER B 82 -7.20 5.21 12.31
N PRO B 83 -6.04 4.93 12.94
CA PRO B 83 -5.22 3.72 12.86
C PRO B 83 -5.79 2.58 13.71
N TYR B 84 -5.67 1.35 13.19
CA TYR B 84 -6.19 0.16 13.84
C TYR B 84 -5.06 -0.55 14.56
N ARG B 85 -5.36 -1.10 15.74
CA ARG B 85 -4.42 -1.96 16.46
C ARG B 85 -4.62 -3.41 16.04
N VAL B 86 -3.56 -4.03 15.52
CA VAL B 86 -3.62 -5.44 15.12
C VAL B 86 -2.72 -6.27 16.02
N VAL B 87 -3.32 -7.30 16.60
CA VAL B 87 -2.67 -8.17 17.57
C VAL B 87 -2.41 -9.52 16.92
N VAL B 88 -1.14 -9.95 16.97
CA VAL B 88 -0.74 -11.28 16.49
C VAL B 88 -0.30 -12.09 17.72
N PRO B 89 -0.95 -13.24 17.97
CA PRO B 89 -0.61 -14.09 19.12
C PRO B 89 0.64 -14.93 18.91
S SO4 C . 12.90 7.53 10.49
O1 SO4 C . 13.79 8.17 11.47
O2 SO4 C . 11.82 8.45 10.15
O3 SO4 C . 13.66 7.19 9.28
O4 SO4 C . 12.32 6.32 11.08
S SO4 D . -13.30 12.29 -2.25
O1 SO4 D . -12.24 12.83 -1.40
O2 SO4 D . -13.93 11.15 -1.56
O3 SO4 D . -14.31 13.32 -2.50
O4 SO4 D . -12.75 11.85 -3.53
#